data_7YRU
#
_entry.id   7YRU
#
_cell.length_a   119.048
_cell.length_b   37.299
_cell.length_c   118.638
_cell.angle_alpha   90.000
_cell.angle_beta   92.800
_cell.angle_gamma   90.000
#
_symmetry.space_group_name_H-M   'C 1 2 1'
#
loop_
_entity.id
_entity.type
_entity.pdbx_description
1 polymer 'Activin receptor type-1'
2 polymer 'antibody heavy chain'
3 polymer 'antibody light chain'
4 water water
#
loop_
_entity_poly.entity_id
_entity_poly.type
_entity_poly.pdbx_seq_one_letter_code
_entity_poly.pdbx_strand_id
1 'polypeptide(L)'
;MEDEKPKVNPKLYMCVCEGLSCGNEDHCEGQQCFSSLSINDGFHVYQKGCFQVYEQGKMTCKTPPSPGQAVECCQGDWCN
RNITAQLPTKGKSFPGTQNFHLEHHHHHH
;
A
2 'polypeptide(L)'
;EVQLVESGGGLVQPGRSLKLSCLASGSTFSNYGMKWIRQAPGKGLEWVASISRSSTYIYYADTVKGRFTISRDNARNTLY
LQMTSLRSEDTALYYCAAAISTPFYWYFDFWGPGTVVTVSSASTKGPSVFPLAPSSKSTSGGTAALGCLVKDYFPEPVTV
SWNSGALTSGVHTFPAVLQSSGLYSLSSVVTVPSSSLGTQTYICNVNHKPSNTKVDKRVEPKSCDKTH
;
H
3 'polypeptide(L)'
;EIVLTQSPTTMAASPGEKVTLNCLASSSVSYMTWYQQKSGASPKLWIYGTSNLASGVPNRFSGSGSGTSYSLAISSMEAE
DVATYYCLHLTSYPPYTFGAGTKLELKRAVAAPSVFIFPPSDEQLKSGTASVVCLLNNFYPREAKVQWKVDNALQSGNSQ
ESVTEQDSKDSTYSLSSTLTLSKADYEKHKVYACEVTHQGLSSPVTKSFNRGEC
;
L
#
# COMPACT_ATOMS: atom_id res chain seq x y z
N LYS A 11 -31.31 -9.95 38.46
CA LYS A 11 -30.07 -9.39 39.10
C LYS A 11 -28.83 -9.61 38.23
N LEU A 12 -28.77 -10.75 37.55
CA LEU A 12 -27.64 -11.10 36.68
C LEU A 12 -27.89 -10.88 35.20
N TYR A 13 -26.96 -10.16 34.56
CA TYR A 13 -27.00 -9.87 33.13
C TYR A 13 -25.99 -10.70 32.35
N MET A 14 -26.16 -10.74 31.03
CA MET A 14 -25.15 -11.25 30.12
C MET A 14 -24.23 -10.12 29.67
N CYS A 15 -22.93 -10.35 29.73
CA CYS A 15 -21.92 -9.34 29.41
C CYS A 15 -20.91 -9.83 28.37
N VAL A 16 -20.45 -8.88 27.54
CA VAL A 16 -19.36 -9.11 26.58
C VAL A 16 -18.07 -9.31 27.35
N CYS A 17 -17.30 -10.34 27.00
CA CYS A 17 -16.05 -10.66 27.66
C CYS A 17 -14.86 -10.63 26.70
N GLU A 18 -13.99 -9.66 26.89
CA GLU A 18 -12.74 -9.52 26.13
C GLU A 18 -11.60 -9.27 27.12
N GLY A 19 -10.51 -10.02 26.98
CA GLY A 19 -9.30 -9.77 27.77
C GLY A 19 -8.92 -10.80 28.82
N LEU A 20 -8.24 -10.31 29.87
CA LEU A 20 -7.58 -11.13 30.88
C LEU A 20 -8.51 -12.02 31.72
N SER A 21 -9.62 -11.45 32.18
CA SER A 21 -10.58 -12.15 33.04
C SER A 21 -11.41 -13.22 32.29
N CYS A 22 -11.32 -13.22 30.97
CA CYS A 22 -12.15 -14.05 30.10
C CYS A 22 -11.31 -15.11 29.39
N GLY A 23 -11.17 -16.26 30.02
CA GLY A 23 -10.32 -17.34 29.51
C GLY A 23 -11.03 -18.65 29.23
N ASN A 24 -11.33 -18.95 27.97
CA ASN A 24 -11.17 -18.03 26.83
C ASN A 24 -12.53 -17.77 26.16
N GLU A 25 -13.49 -17.37 26.99
CA GLU A 25 -14.88 -17.16 26.58
C GLU A 25 -15.17 -15.72 26.15
N ASP A 26 -16.19 -15.59 25.30
CA ASP A 26 -16.65 -14.30 24.78
C ASP A 26 -17.78 -13.71 25.63
N HIS A 27 -18.43 -14.58 26.40
CA HIS A 27 -19.57 -14.20 27.25
C HIS A 27 -19.20 -14.20 28.73
N CYS A 28 -20.09 -13.62 29.53
CA CYS A 28 -19.85 -13.38 30.95
C CYS A 28 -21.17 -13.11 31.67
N GLU A 29 -21.23 -13.43 32.96
CA GLU A 29 -22.44 -13.22 33.76
C GLU A 29 -22.17 -12.50 35.09
N GLY A 30 -22.81 -11.34 35.27
CA GLY A 30 -22.63 -10.51 36.46
C GLY A 30 -23.75 -9.51 36.72
N GLN A 31 -23.69 -8.88 37.89
CA GLN A 31 -24.64 -7.84 38.31
C GLN A 31 -24.47 -6.54 37.53
N GLN A 32 -23.24 -6.32 37.05
CA GLN A 32 -22.89 -5.20 36.18
C GLN A 32 -21.89 -5.68 35.13
N CYS A 33 -21.95 -5.07 33.94
CA CYS A 33 -20.92 -5.28 32.92
C CYS A 33 -19.99 -4.07 32.92
N PHE A 34 -18.73 -4.30 32.58
CA PHE A 34 -17.75 -3.21 32.50
C PHE A 34 -16.99 -3.16 31.16
N SER A 35 -16.57 -1.94 30.82
CA SER A 35 -15.60 -1.72 29.76
C SER A 35 -14.41 -0.99 30.38
N SER A 36 -13.22 -1.59 30.22
CA SER A 36 -12.02 -1.17 30.92
C SER A 36 -10.90 -0.73 29.96
N LEU A 37 -10.07 0.20 30.43
CA LEU A 37 -8.88 0.66 29.70
C LEU A 37 -7.76 1.08 30.66
N SER A 38 -6.55 0.63 30.35
CA SER A 38 -5.33 1.05 31.05
C SER A 38 -4.12 1.08 30.10
N ILE A 39 -3.31 2.14 30.22
CA ILE A 39 -2.04 2.22 29.47
C ILE A 39 -1.01 1.33 30.17
N ASN A 40 -0.79 0.16 29.58
CA ASN A 40 0.19 -0.81 30.10
C ASN A 40 1.24 -1.14 29.05
N ASP A 41 2.51 -0.89 29.39
CA ASP A 41 3.67 -1.32 28.60
C ASP A 41 3.63 -0.83 27.14
N GLY A 42 3.27 0.45 26.96
CA GLY A 42 3.14 1.08 25.65
C GLY A 42 1.93 0.66 24.83
N PHE A 43 1.01 -0.06 25.47
CA PHE A 43 -0.24 -0.51 24.87
C PHE A 43 -1.43 0.07 25.61
N HIS A 44 -2.41 0.56 24.85
CA HIS A 44 -3.71 0.90 25.40
C HIS A 44 -4.52 -0.39 25.43
N VAL A 45 -4.38 -1.15 26.52
CA VAL A 45 -5.09 -2.43 26.65
C VAL A 45 -6.54 -2.23 27.05
N TYR A 46 -7.43 -2.88 26.31
CA TYR A 46 -8.87 -2.82 26.57
C TYR A 46 -9.37 -4.15 27.13
N GLN A 47 -10.40 -4.06 27.97
CA GLN A 47 -11.01 -5.23 28.59
C GLN A 47 -12.51 -5.04 28.74
N LYS A 48 -13.25 -6.13 28.62
CA LYS A 48 -14.68 -6.18 28.92
C LYS A 48 -14.99 -7.44 29.73
N GLY A 49 -15.96 -7.34 30.64
CA GLY A 49 -16.35 -8.47 31.48
C GLY A 49 -17.45 -8.15 32.47
N CYS A 50 -17.34 -8.73 33.66
CA CYS A 50 -18.37 -8.63 34.69
C CYS A 50 -17.91 -8.09 36.02
N PHE A 51 -18.85 -7.49 36.73
CA PHE A 51 -18.71 -7.21 38.14
C PHE A 51 -19.78 -7.97 38.92
N GLN A 52 -19.36 -8.53 40.06
CA GLN A 52 -20.26 -9.19 40.99
C GLN A 52 -19.86 -8.83 42.43
N VAL A 53 -20.86 -8.42 43.21
CA VAL A 53 -20.67 -8.09 44.62
C VAL A 53 -20.57 -9.37 45.46
N TYR A 54 -19.48 -9.44 46.24
CA TYR A 54 -19.31 -10.45 47.28
C TYR A 54 -19.37 -9.72 48.62
N GLU A 55 -19.25 -10.47 49.73
CA GLU A 55 -19.37 -9.89 51.07
C GLU A 55 -18.25 -8.92 51.47
N GLN A 56 -17.09 -9.05 50.81
CA GLN A 56 -15.97 -8.10 50.95
C GLN A 56 -15.12 -7.98 49.67
N GLY A 57 -14.15 -7.06 49.69
CA GLY A 57 -13.29 -6.79 48.53
C GLY A 57 -13.75 -5.56 47.78
N LYS A 58 -13.71 -5.62 46.45
CA LYS A 58 -14.29 -4.59 45.60
C LYS A 58 -15.81 -4.64 45.69
N MET A 59 -16.41 -3.55 46.17
CA MET A 59 -17.85 -3.46 46.37
C MET A 59 -18.53 -2.63 45.28
N THR A 60 -17.70 -1.97 44.47
CA THR A 60 -18.15 -1.07 43.42
C THR A 60 -17.48 -1.44 42.10
N CYS A 61 -18.29 -1.55 41.04
CA CYS A 61 -17.81 -1.73 39.68
C CYS A 61 -17.01 -0.48 39.25
N LYS A 62 -17.61 0.68 39.55
CA LYS A 62 -17.02 2.00 39.27
C LYS A 62 -15.69 2.13 40.01
N THR A 63 -14.70 2.67 39.31
CA THR A 63 -13.35 2.82 39.84
C THR A 63 -13.00 4.31 39.96
N PRO A 64 -12.46 4.74 41.13
CA PRO A 64 -11.89 6.08 41.25
C PRO A 64 -10.78 6.30 40.22
N PRO A 65 -10.94 7.32 39.34
CA PRO A 65 -10.04 7.56 38.21
C PRO A 65 -8.59 7.79 38.63
N SER A 66 -7.67 7.23 37.84
CA SER A 66 -6.24 7.32 38.08
C SER A 66 -5.53 7.65 36.75
N PRO A 67 -4.37 8.35 36.80
CA PRO A 67 -3.59 8.59 35.59
C PRO A 67 -3.22 7.31 34.86
N GLY A 68 -3.69 7.18 33.62
CA GLY A 68 -3.43 6.00 32.80
C GLY A 68 -4.56 4.98 32.72
N GLN A 69 -5.50 5.05 33.67
CA GLN A 69 -6.63 4.11 33.69
C GLN A 69 -8.01 4.78 33.66
N ALA A 70 -8.99 4.06 33.11
CA ALA A 70 -10.40 4.47 33.07
C ALA A 70 -11.31 3.26 32.99
N VAL A 71 -12.35 3.26 33.82
CA VAL A 71 -13.36 2.19 33.87
C VAL A 71 -14.75 2.81 33.74
N GLU A 72 -15.59 2.19 32.91
CA GLU A 72 -17.01 2.55 32.81
C GLU A 72 -17.91 1.33 32.87
N CYS A 73 -18.89 1.38 33.77
CA CYS A 73 -19.80 0.28 34.06
C CYS A 73 -21.23 0.57 33.62
N CYS A 74 -22.00 -0.50 33.44
CA CYS A 74 -23.38 -0.42 32.95
C CYS A 74 -24.27 -1.55 33.47
N GLN A 75 -25.57 -1.31 33.43
CA GLN A 75 -26.58 -2.35 33.65
C GLN A 75 -27.32 -2.67 32.35
N GLY A 76 -27.77 -3.92 32.24
CA GLY A 76 -28.47 -4.40 31.04
C GLY A 76 -27.69 -5.46 30.29
N ASP A 77 -28.41 -6.33 29.59
CA ASP A 77 -27.81 -7.38 28.77
C ASP A 77 -27.00 -6.77 27.62
N TRP A 78 -25.72 -7.15 27.56
CA TRP A 78 -24.74 -6.71 26.55
C TRP A 78 -24.62 -5.17 26.47
N CYS A 79 -24.73 -4.51 27.62
CA CYS A 79 -24.64 -3.04 27.72
C CYS A 79 -23.22 -2.53 27.45
N ASN A 80 -22.22 -3.36 27.78
CA ASN A 80 -20.82 -3.02 27.57
C ASN A 80 -20.33 -3.08 26.12
N ARG A 81 -21.16 -3.64 25.24
CA ARG A 81 -20.86 -3.79 23.81
C ARG A 81 -20.62 -2.46 23.08
N ASN A 82 -21.54 -1.51 23.25
CA ASN A 82 -21.46 -0.21 22.59
C ASN A 82 -20.85 0.91 23.44
N ILE A 83 -20.22 0.53 24.55
CA ILE A 83 -19.51 1.46 25.43
C ILE A 83 -18.03 1.06 25.50
N THR A 84 -17.15 2.02 25.31
CA THR A 84 -15.71 1.84 25.55
C THR A 84 -15.17 2.96 26.43
N ALA A 85 -14.38 2.57 27.43
CA ALA A 85 -13.75 3.52 28.35
C ALA A 85 -12.73 4.37 27.60
N GLN A 86 -12.87 5.68 27.74
CA GLN A 86 -11.96 6.64 27.12
C GLN A 86 -11.27 7.48 28.19
N LEU A 87 -9.94 7.54 28.09
CA LEU A 87 -9.13 8.37 28.98
C LEU A 87 -9.39 9.86 28.71
N PRO A 88 -9.64 10.65 29.79
CA PRO A 88 -10.01 12.08 29.73
C PRO A 88 -9.16 12.92 28.78
N GLU B 1 10.95 10.03 14.84
CA GLU B 1 12.07 9.88 15.81
C GLU B 1 12.80 8.53 15.66
N VAL B 2 12.11 7.54 15.09
CA VAL B 2 12.68 6.20 14.91
C VAL B 2 12.43 5.65 13.48
N GLN B 3 13.50 5.16 12.86
CA GLN B 3 13.47 4.55 11.53
C GLN B 3 13.33 3.03 11.66
N LEU B 4 12.51 2.42 10.81
CA LEU B 4 12.33 0.96 10.79
C LEU B 4 12.50 0.39 9.38
N VAL B 5 13.25 -0.70 9.27
CA VAL B 5 13.51 -1.38 7.98
C VAL B 5 13.19 -2.87 8.09
N GLU B 6 12.36 -3.35 7.16
CA GLU B 6 11.92 -4.75 7.10
C GLU B 6 12.81 -5.58 6.18
N SER B 7 12.93 -6.87 6.50
CA SER B 7 13.72 -7.83 5.71
C SER B 7 13.22 -9.26 5.90
N GLY B 8 13.83 -10.20 5.18
CA GLY B 8 13.49 -11.63 5.28
C GLY B 8 12.47 -12.09 4.26
N GLY B 9 11.84 -11.15 3.56
CA GLY B 9 10.83 -11.46 2.56
C GLY B 9 11.40 -12.00 1.26
N GLY B 10 10.61 -12.82 0.59
CA GLY B 10 10.97 -13.43 -0.69
C GLY B 10 9.93 -14.45 -1.13
N LEU B 11 10.29 -15.26 -2.13
CA LEU B 11 9.43 -16.34 -2.59
C LEU B 11 9.46 -17.52 -1.62
N VAL B 12 8.29 -18.08 -1.37
CA VAL B 12 8.11 -19.22 -0.47
C VAL B 12 6.98 -20.12 -0.98
N GLN B 13 6.97 -21.37 -0.52
CA GLN B 13 6.02 -22.39 -1.01
C GLN B 13 4.84 -22.59 -0.05
N PRO B 14 3.66 -23.02 -0.57
CA PRO B 14 2.49 -23.27 0.30
C PRO B 14 2.71 -24.34 1.36
N GLY B 15 2.34 -24.03 2.60
CA GLY B 15 2.51 -24.92 3.75
C GLY B 15 3.86 -24.85 4.43
N ARG B 16 4.74 -23.98 3.93
CA ARG B 16 6.12 -23.85 4.41
C ARG B 16 6.30 -22.62 5.31
N SER B 17 7.52 -22.44 5.81
CA SER B 17 7.81 -21.42 6.84
C SER B 17 8.76 -20.31 6.40
N LEU B 18 8.62 -19.14 7.04
CA LEU B 18 9.42 -17.94 6.77
C LEU B 18 9.45 -17.03 8.00
N LYS B 19 10.58 -16.34 8.22
CA LYS B 19 10.74 -15.42 9.35
C LYS B 19 11.15 -14.02 8.90
N LEU B 20 10.23 -13.07 9.08
CA LEU B 20 10.48 -11.66 8.76
C LEU B 20 11.21 -10.96 9.90
N SER B 21 11.98 -9.93 9.55
CA SER B 21 12.72 -9.14 10.53
C SER B 21 12.47 -7.65 10.32
N CYS B 22 12.38 -6.91 11.42
CA CYS B 22 12.22 -5.47 11.39
C CYS B 22 13.28 -4.81 12.27
N LEU B 23 14.30 -4.24 11.63
CA LEU B 23 15.44 -3.64 12.32
C LEU B 23 15.22 -2.14 12.51
N ALA B 24 15.36 -1.71 13.76
CA ALA B 24 15.07 -0.32 14.16
C ALA B 24 16.31 0.58 14.15
N SER B 25 16.06 1.89 14.23
CA SER B 25 17.10 2.89 14.41
C SER B 25 17.68 2.81 15.82
N GLY B 26 16.82 2.96 16.82
CA GLY B 26 17.19 2.76 18.22
C GLY B 26 18.07 3.84 18.84
N SER B 27 18.35 3.74 20.15
CA SER B 27 17.82 2.67 21.02
C SER B 27 16.49 3.07 21.71
N THR B 28 15.68 3.82 20.97
CA THR B 28 14.30 4.16 21.35
C THR B 28 13.34 2.99 21.11
N PHE B 29 13.84 1.94 20.44
CA PHE B 29 13.08 0.72 20.13
C PHE B 29 12.33 0.14 21.34
N SER B 30 13.04 0.07 22.48
CA SER B 30 12.48 -0.46 23.72
C SER B 30 11.57 0.53 24.47
N ASN B 31 11.18 1.62 23.81
CA ASN B 31 10.24 2.61 24.36
C ASN B 31 8.82 2.51 23.78
N TYR B 32 8.66 1.74 22.71
CA TYR B 32 7.37 1.59 22.03
C TYR B 32 6.95 0.13 21.86
N GLY B 33 5.63 -0.09 21.81
CA GLY B 33 5.07 -1.34 21.31
C GLY B 33 5.22 -1.42 19.80
N MET B 34 5.15 -2.64 19.26
CA MET B 34 5.42 -2.87 17.83
C MET B 34 4.29 -3.63 17.13
N LYS B 35 4.07 -3.30 15.86
CA LYS B 35 2.97 -3.83 15.04
C LYS B 35 3.43 -4.34 13.68
N TRP B 36 2.73 -5.35 13.16
CA TRP B 36 2.86 -5.78 11.77
C TRP B 36 1.55 -5.54 11.03
N ILE B 37 1.64 -4.84 9.90
CA ILE B 37 0.50 -4.60 9.01
C ILE B 37 0.89 -5.06 7.60
N ARG B 38 0.04 -5.87 6.98
CA ARG B 38 0.30 -6.36 5.62
C ARG B 38 -0.63 -5.73 4.58
N GLN B 39 -0.13 -5.67 3.35
CA GLN B 39 -0.90 -5.15 2.22
C GLN B 39 -0.75 -6.07 1.01
N ALA B 40 -1.85 -6.74 0.66
CA ALA B 40 -1.93 -7.55 -0.54
C ALA B 40 -1.91 -6.64 -1.77
N PRO B 41 -1.31 -7.10 -2.90
CA PRO B 41 -1.31 -6.16 -4.03
C PRO B 41 -2.67 -5.73 -4.57
N GLY B 42 -2.90 -4.43 -4.69
CA GLY B 42 -4.13 -3.91 -5.24
C GLY B 42 -5.21 -3.92 -4.22
N LYS B 43 -4.82 -3.94 -2.98
CA LYS B 43 -5.81 -4.12 -1.90
C LYS B 43 -5.50 -3.24 -0.69
N GLY B 44 -6.36 -3.32 0.32
CA GLY B 44 -6.23 -2.51 1.52
C GLY B 44 -5.24 -3.01 2.56
N LEU B 45 -5.28 -2.37 3.72
CA LEU B 45 -4.38 -2.68 4.83
C LEU B 45 -5.04 -3.63 5.83
N GLU B 46 -4.26 -4.61 6.30
CA GLU B 46 -4.73 -5.59 7.27
C GLU B 46 -3.70 -5.74 8.39
N TRP B 47 -4.13 -5.47 9.62
CA TRP B 47 -3.31 -5.66 10.81
C TRP B 47 -3.08 -7.14 11.06
N VAL B 48 -1.84 -7.49 11.41
CA VAL B 48 -1.41 -8.88 11.57
C VAL B 48 -1.15 -9.23 13.03
N ALA B 49 -0.17 -8.55 13.64
CA ALA B 49 0.30 -8.88 14.98
C ALA B 49 0.78 -7.68 15.77
N SER B 50 0.65 -7.78 17.10
CA SER B 50 1.06 -6.73 18.03
C SER B 50 1.91 -7.32 19.16
N ILE B 51 2.89 -6.55 19.60
CA ILE B 51 3.72 -6.89 20.75
C ILE B 51 4.05 -5.64 21.56
N SER B 52 3.84 -5.70 22.88
CA SER B 52 4.07 -4.56 23.76
C SER B 52 5.56 -4.29 24.00
N ARG B 53 5.86 -3.26 24.79
CA ARG B 53 7.22 -2.76 25.03
C ARG B 53 8.21 -3.82 25.53
N SER B 54 7.73 -4.73 26.38
CA SER B 54 8.56 -5.76 27.01
C SER B 54 8.03 -7.18 26.77
N SER B 55 7.34 -7.37 25.64
CA SER B 55 6.71 -8.65 25.24
C SER B 55 5.63 -9.15 26.23
N THR B 56 5.05 -8.22 26.99
CA THR B 56 4.04 -8.52 28.01
C THR B 56 2.70 -8.86 27.37
N TYR B 57 2.30 -8.06 26.38
CA TYR B 57 1.05 -8.25 25.64
C TYR B 57 1.34 -8.59 24.19
N ILE B 58 0.69 -9.66 23.72
CA ILE B 58 0.79 -10.10 22.32
C ILE B 58 -0.61 -10.32 21.77
N TYR B 59 -0.88 -9.75 20.60
CA TYR B 59 -2.14 -9.93 19.89
C TYR B 59 -1.93 -10.41 18.44
N TYR B 60 -2.92 -11.16 17.93
CA TYR B 60 -2.90 -11.66 16.55
C TYR B 60 -4.24 -11.45 15.86
N ALA B 61 -4.20 -11.36 14.54
CA ALA B 61 -5.41 -11.42 13.71
C ALA B 61 -5.89 -12.86 13.64
N ASP B 62 -7.20 -13.04 13.45
CA ASP B 62 -7.84 -14.37 13.49
C ASP B 62 -7.41 -15.31 12.36
N THR B 63 -7.21 -14.76 11.16
CA THR B 63 -6.69 -15.50 9.99
C THR B 63 -5.24 -15.95 10.18
N VAL B 64 -4.57 -15.32 11.14
CA VAL B 64 -3.14 -15.45 11.38
C VAL B 64 -2.84 -16.26 12.67
N LYS B 65 -3.77 -16.14 13.64
CA LYS B 65 -3.72 -16.79 14.95
C LYS B 65 -3.41 -18.29 14.86
N GLY B 66 -2.38 -18.72 15.61
CA GLY B 66 -1.94 -20.11 15.62
C GLY B 66 -0.81 -20.42 14.65
N ARG B 67 -0.91 -19.85 13.44
CA ARG B 67 0.10 -20.04 12.39
C ARG B 67 1.34 -19.16 12.59
N PHE B 68 1.12 -17.91 12.99
CA PHE B 68 2.20 -16.91 13.09
C PHE B 68 2.63 -16.68 14.54
N THR B 69 3.89 -16.25 14.70
CA THR B 69 4.45 -15.90 16.01
C THR B 69 5.26 -14.61 15.92
N ILE B 70 4.86 -13.62 16.70
CA ILE B 70 5.57 -12.33 16.79
C ILE B 70 6.58 -12.37 17.94
N SER B 71 7.82 -12.00 17.64
CA SER B 71 8.93 -12.02 18.60
C SER B 71 9.56 -10.63 18.72
N ARG B 72 10.40 -10.47 19.74
CA ARG B 72 11.06 -9.20 20.02
C ARG B 72 12.44 -9.39 20.66
N ASP B 73 13.36 -8.51 20.31
CA ASP B 73 14.71 -8.47 20.88
C ASP B 73 15.16 -7.03 21.05
N ASN B 74 15.04 -6.52 22.29
CA ASN B 74 15.38 -5.14 22.62
C ASN B 74 16.89 -4.85 22.59
N ALA B 75 17.70 -5.89 22.86
CA ALA B 75 19.15 -5.80 22.80
C ALA B 75 19.68 -5.65 21.37
N ARG B 76 19.04 -6.34 20.43
CA ARG B 76 19.41 -6.28 19.00
C ARG B 76 18.57 -5.28 18.20
N ASN B 77 17.61 -4.63 18.86
CA ASN B 77 16.68 -3.65 18.26
C ASN B 77 15.88 -4.21 17.07
N THR B 78 15.40 -5.44 17.21
CA THR B 78 14.76 -6.15 16.11
C THR B 78 13.40 -6.76 16.50
N LEU B 79 12.45 -6.60 15.59
CA LEU B 79 11.12 -7.21 15.68
C LEU B 79 11.06 -8.38 14.69
N TYR B 80 10.36 -9.46 15.07
CA TYR B 80 10.28 -10.65 14.24
C TYR B 80 8.84 -11.10 13.98
N LEU B 81 8.65 -11.83 12.88
CA LEU B 81 7.38 -12.47 12.58
C LEU B 81 7.63 -13.85 11.98
N GLN B 82 7.49 -14.87 12.82
CA GLN B 82 7.56 -16.27 12.41
C GLN B 82 6.25 -16.64 11.71
N MET B 83 6.37 -17.07 10.47
CA MET B 83 5.21 -17.47 9.65
C MET B 83 5.32 -18.96 9.32
N THR B 84 4.26 -19.71 9.62
CA THR B 84 4.18 -21.15 9.30
C THR B 84 2.86 -21.46 8.58
N SER B 85 2.84 -22.60 7.87
CA SER B 85 1.68 -23.08 7.09
C SER B 85 1.12 -21.99 6.16
N LEU B 86 2.00 -21.46 5.32
CA LEU B 86 1.70 -20.29 4.49
C LEU B 86 0.75 -20.60 3.34
N ARG B 87 -0.19 -19.68 3.15
CA ARG B 87 -1.27 -19.85 2.16
C ARG B 87 -1.17 -18.83 1.03
N SER B 88 -1.86 -19.12 -0.06
CA SER B 88 -1.94 -18.24 -1.23
C SER B 88 -2.40 -16.81 -0.92
N GLU B 89 -3.29 -16.67 0.08
CA GLU B 89 -3.79 -15.35 0.50
C GLU B 89 -2.93 -14.62 1.55
N ASP B 90 -1.82 -15.25 1.96
CA ASP B 90 -0.83 -14.62 2.83
C ASP B 90 0.18 -13.76 2.04
N THR B 91 0.11 -13.87 0.71
CA THR B 91 0.93 -13.09 -0.22
C THR B 91 0.63 -11.59 -0.09
N ALA B 92 1.61 -10.85 0.44
CA ALA B 92 1.45 -9.44 0.77
C ALA B 92 2.80 -8.71 0.98
N LEU B 93 2.74 -7.38 0.98
CA LEU B 93 3.84 -6.53 1.41
C LEU B 93 3.68 -6.26 2.91
N TYR B 94 4.72 -6.60 3.67
CA TYR B 94 4.65 -6.60 5.14
C TYR B 94 5.37 -5.42 5.78
N TYR B 95 4.59 -4.52 6.37
CA TYR B 95 5.11 -3.36 7.10
C TYR B 95 5.26 -3.68 8.59
N CYS B 96 6.28 -3.08 9.21
CA CYS B 96 6.37 -3.00 10.66
C CYS B 96 6.19 -1.55 11.10
N ALA B 97 5.50 -1.36 12.23
CA ALA B 97 5.19 -0.02 12.74
C ALA B 97 5.23 0.04 14.26
N ALA B 98 5.63 1.19 14.78
CA ALA B 98 5.67 1.44 16.22
C ALA B 98 4.33 2.01 16.69
N ALA B 99 3.88 1.52 17.85
CA ALA B 99 2.72 2.09 18.53
C ALA B 99 3.19 3.24 19.40
N ILE B 100 2.62 4.43 19.17
CA ILE B 100 2.92 5.61 19.97
C ILE B 100 1.78 5.80 20.97
N SER B 101 2.14 5.86 22.25
CA SER B 101 1.16 5.96 23.33
C SER B 101 1.25 7.30 24.07
N THR B 102 0.17 8.07 23.99
CA THR B 102 -0.01 9.30 24.76
C THR B 102 -1.08 9.05 25.85
N PRO B 103 -1.16 9.91 26.88
CA PRO B 103 -2.22 9.73 27.91
C PRO B 103 -3.67 9.85 27.42
N PHE B 104 -3.86 10.39 26.22
CA PHE B 104 -5.20 10.52 25.62
C PHE B 104 -5.44 9.52 24.49
N TYR B 105 -4.43 9.33 23.64
CA TYR B 105 -4.57 8.52 22.41
C TYR B 105 -3.41 7.57 22.16
N TRP B 106 -3.66 6.60 21.28
CA TRP B 106 -2.59 5.81 20.66
C TRP B 106 -2.84 5.61 19.16
N TYR B 107 -1.76 5.40 18.41
CA TYR B 107 -1.78 5.28 16.96
C TYR B 107 -0.53 4.55 16.47
N PHE B 108 -0.54 4.15 15.19
CA PHE B 108 0.64 3.52 14.58
C PHE B 108 1.40 4.57 13.78
N ASP B 109 2.73 4.53 13.86
CA ASP B 109 3.59 5.51 13.19
C ASP B 109 4.92 4.90 12.74
N PHE B 110 5.61 5.63 11.88
CA PHE B 110 6.97 5.31 11.39
C PHE B 110 7.06 3.98 10.64
N TRP B 111 6.02 3.68 9.86
CA TRP B 111 5.92 2.49 9.01
C TRP B 111 7.13 2.44 8.08
N GLY B 112 7.77 1.28 8.00
CA GLY B 112 8.91 1.07 7.13
C GLY B 112 8.52 0.88 5.67
N PRO B 113 9.53 0.76 4.77
CA PRO B 113 9.30 0.51 3.33
C PRO B 113 8.55 -0.79 3.03
N GLY B 114 8.59 -1.74 3.96
CA GLY B 114 7.90 -3.02 3.82
C GLY B 114 8.78 -4.09 3.23
N THR B 115 8.29 -5.33 3.28
CA THR B 115 8.97 -6.47 2.64
C THR B 115 7.96 -7.40 1.96
N VAL B 116 8.28 -7.81 0.74
CA VAL B 116 7.36 -8.62 -0.08
C VAL B 116 7.49 -10.10 0.23
N VAL B 117 6.35 -10.72 0.55
CA VAL B 117 6.24 -12.16 0.75
C VAL B 117 5.30 -12.73 -0.31
N THR B 118 5.79 -13.72 -1.05
CA THR B 118 5.00 -14.37 -2.10
C THR B 118 4.88 -15.86 -1.82
N VAL B 119 3.64 -16.34 -1.80
CA VAL B 119 3.34 -17.75 -1.54
C VAL B 119 2.71 -18.38 -2.80
N SER B 120 3.53 -19.13 -3.53
CA SER B 120 3.11 -19.84 -4.75
C SER B 120 4.02 -21.03 -5.07
N SER B 121 3.50 -21.96 -5.87
CA SER B 121 4.22 -23.15 -6.32
C SER B 121 5.23 -22.84 -7.42
N ALA B 122 4.99 -21.75 -8.15
CA ALA B 122 5.90 -21.25 -9.20
C ALA B 122 7.26 -20.85 -8.63
N SER B 123 8.30 -21.07 -9.42
CA SER B 123 9.69 -20.83 -8.99
C SER B 123 10.23 -19.48 -9.48
N THR B 124 11.41 -19.15 -8.96
CA THR B 124 12.07 -17.87 -9.22
C THR B 124 12.62 -17.77 -10.65
N LYS B 125 12.34 -16.64 -11.30
CA LYS B 125 12.89 -16.29 -12.62
C LYS B 125 13.39 -14.84 -12.63
N GLY B 126 14.60 -14.63 -13.14
CA GLY B 126 15.18 -13.30 -13.28
C GLY B 126 14.68 -12.56 -14.51
N PRO B 127 14.72 -11.20 -14.48
CA PRO B 127 14.22 -10.44 -15.63
C PRO B 127 15.23 -10.29 -16.76
N SER B 128 14.73 -10.29 -17.99
CA SER B 128 15.49 -9.85 -19.14
C SER B 128 15.30 -8.35 -19.28
N VAL B 129 16.41 -7.61 -19.31
CA VAL B 129 16.34 -6.15 -19.42
C VAL B 129 16.72 -5.71 -20.84
N PHE B 130 15.78 -5.04 -21.50
CA PHE B 130 15.96 -4.60 -22.87
C PHE B 130 15.85 -3.09 -23.02
N PRO B 131 16.72 -2.48 -23.86
CA PRO B 131 16.66 -1.04 -24.06
C PRO B 131 15.50 -0.62 -24.98
N LEU B 132 14.77 0.40 -24.55
CA LEU B 132 13.80 1.07 -25.41
C LEU B 132 14.49 2.31 -25.96
N ALA B 133 15.14 2.12 -27.11
CA ALA B 133 16.02 3.12 -27.70
C ALA B 133 15.26 4.25 -28.40
N PRO B 134 15.75 5.51 -28.27
CA PRO B 134 15.16 6.64 -28.98
C PRO B 134 15.62 6.72 -30.43
N GLY B 141 10.07 17.48 -32.87
CA GLY B 141 10.23 17.07 -31.48
C GLY B 141 11.52 17.57 -30.86
N GLY B 142 11.38 18.39 -29.83
CA GLY B 142 12.52 18.81 -29.01
C GLY B 142 12.88 17.77 -27.97
N THR B 143 11.89 16.98 -27.57
CA THR B 143 12.02 15.97 -26.52
C THR B 143 11.94 14.55 -27.10
N ALA B 144 12.87 13.70 -26.65
CA ALA B 144 12.88 12.28 -27.01
C ALA B 144 12.58 11.42 -25.79
N ALA B 145 11.82 10.35 -25.99
CA ALA B 145 11.54 9.38 -24.94
C ALA B 145 12.38 8.12 -25.13
N LEU B 146 12.92 7.63 -24.01
CA LEU B 146 13.66 6.36 -23.98
C LEU B 146 13.34 5.59 -22.71
N GLY B 147 13.65 4.30 -22.71
CA GLY B 147 13.33 3.46 -21.56
C GLY B 147 14.00 2.10 -21.48
N CYS B 148 13.52 1.31 -20.53
CA CYS B 148 13.93 -0.08 -20.36
C CYS B 148 12.71 -0.99 -20.22
N LEU B 149 12.76 -2.13 -20.90
CA LEU B 149 11.77 -3.18 -20.75
C LEU B 149 12.33 -4.27 -19.84
N VAL B 150 11.67 -4.44 -18.69
CA VAL B 150 12.04 -5.41 -17.67
C VAL B 150 11.04 -6.57 -17.81
N LYS B 151 11.47 -7.64 -18.48
CA LYS B 151 10.56 -8.69 -18.95
C LYS B 151 10.80 -10.08 -18.33
N ASP B 152 9.69 -10.79 -18.08
CA ASP B 152 9.67 -12.20 -17.63
C ASP B 152 10.40 -12.47 -16.31
N TYR B 153 9.88 -11.90 -15.22
CA TYR B 153 10.41 -12.15 -13.89
C TYR B 153 9.34 -12.65 -12.91
N PHE B 154 9.76 -13.41 -11.90
CA PHE B 154 8.85 -13.90 -10.87
C PHE B 154 9.77 -14.13 -9.71
N PRO B 155 9.30 -13.78 -8.44
CA PRO B 155 8.19 -12.87 -8.04
C PRO B 155 8.43 -11.38 -8.10
N GLU B 156 7.51 -10.62 -7.57
CA GLU B 156 7.71 -9.20 -7.48
C GLU B 156 8.62 -9.16 -6.28
N PRO B 157 9.28 -8.04 -6.02
CA PRO B 157 9.31 -6.83 -6.83
C PRO B 157 10.56 -6.53 -7.63
N VAL B 158 10.47 -5.54 -8.48
CA VAL B 158 11.64 -5.09 -9.24
C VAL B 158 11.74 -3.62 -8.95
N THR B 159 12.96 -3.13 -8.84
CA THR B 159 13.17 -1.73 -8.60
C THR B 159 13.91 -1.18 -9.80
N VAL B 160 13.51 -0.02 -10.28
CA VAL B 160 14.20 0.62 -11.41
C VAL B 160 14.58 2.05 -11.04
N SER B 161 15.85 2.39 -11.26
CA SER B 161 16.33 3.76 -11.18
C SER B 161 17.02 4.15 -12.49
N TRP B 162 17.25 5.45 -12.68
CA TRP B 162 17.96 5.96 -13.86
C TRP B 162 19.20 6.76 -13.45
N ASN B 163 20.33 6.41 -14.06
CA ASN B 163 21.66 6.96 -13.74
C ASN B 163 22.03 6.86 -12.26
N SER B 164 21.82 5.67 -11.69
CA SER B 164 22.06 5.36 -10.26
C SER B 164 21.30 6.26 -9.27
N GLY B 165 20.14 6.77 -9.71
CA GLY B 165 19.30 7.65 -8.90
C GLY B 165 19.47 9.14 -9.16
N ALA B 166 20.38 9.49 -10.07
CA ALA B 166 20.66 10.89 -10.42
C ALA B 166 19.56 11.53 -11.27
N LEU B 167 18.87 10.72 -12.06
CA LEU B 167 17.78 11.19 -12.93
C LEU B 167 16.42 10.68 -12.45
N THR B 168 15.58 11.62 -12.01
CA THR B 168 14.25 11.33 -11.48
C THR B 168 13.13 12.08 -12.22
N SER B 169 13.46 13.28 -12.72
CA SER B 169 12.49 14.16 -13.36
C SER B 169 12.14 13.67 -14.77
N GLY B 170 10.84 13.40 -14.97
CA GLY B 170 10.34 12.87 -16.24
C GLY B 170 10.30 11.35 -16.32
N VAL B 171 10.61 10.69 -15.20
CA VAL B 171 10.63 9.22 -15.13
C VAL B 171 9.24 8.66 -14.80
N HIS B 172 8.80 7.69 -15.59
CA HIS B 172 7.61 6.91 -15.27
C HIS B 172 7.94 5.42 -15.29
N THR B 173 7.93 4.82 -14.11
CA THR B 173 8.06 3.38 -13.95
C THR B 173 6.66 2.81 -13.80
N PHE B 174 6.26 2.01 -14.79
CA PHE B 174 4.90 1.47 -14.87
C PHE B 174 4.68 0.31 -13.92
N PRO B 175 3.43 0.16 -13.42
CA PRO B 175 3.08 -1.04 -12.65
C PRO B 175 3.26 -2.30 -13.49
N ALA B 176 3.76 -3.36 -12.86
CA ALA B 176 3.99 -4.64 -13.51
C ALA B 176 2.69 -5.30 -13.93
N VAL B 177 2.68 -5.87 -15.14
CA VAL B 177 1.57 -6.68 -15.60
C VAL B 177 1.95 -8.17 -15.54
N LEU B 178 1.05 -8.98 -15.02
CA LEU B 178 1.23 -10.42 -15.00
C LEU B 178 0.76 -10.98 -16.33
N GLN B 179 1.72 -11.46 -17.11
CA GLN B 179 1.48 -12.05 -18.44
C GLN B 179 0.72 -13.37 -18.32
N SER B 180 0.17 -13.83 -19.45
CA SER B 180 -0.56 -15.11 -19.51
C SER B 180 0.28 -16.30 -19.06
N SER B 181 1.60 -16.21 -19.25
CA SER B 181 2.58 -17.20 -18.82
C SER B 181 2.70 -17.35 -17.29
N GLY B 182 2.19 -16.37 -16.55
CA GLY B 182 2.34 -16.32 -15.10
C GLY B 182 3.61 -15.63 -14.67
N LEU B 183 4.15 -14.79 -15.56
CA LEU B 183 5.39 -14.04 -15.32
C LEU B 183 5.14 -12.53 -15.44
N TYR B 184 5.86 -11.76 -14.62
CA TYR B 184 5.72 -10.31 -14.57
C TYR B 184 6.56 -9.59 -15.63
N SER B 185 6.03 -8.48 -16.12
CA SER B 185 6.74 -7.58 -17.03
C SER B 185 6.37 -6.13 -16.77
N LEU B 186 7.38 -5.26 -16.76
CA LEU B 186 7.16 -3.81 -16.67
C LEU B 186 8.11 -3.02 -17.55
N SER B 187 7.78 -1.75 -17.77
CA SER B 187 8.65 -0.81 -18.44
C SER B 187 8.85 0.44 -17.60
N SER B 188 10.04 1.04 -17.72
CA SER B 188 10.32 2.35 -17.14
C SER B 188 10.79 3.27 -18.26
N VAL B 189 10.18 4.45 -18.33
CA VAL B 189 10.49 5.43 -19.38
C VAL B 189 10.96 6.78 -18.80
N VAL B 190 11.72 7.52 -19.60
CA VAL B 190 12.15 8.88 -19.28
C VAL B 190 12.16 9.75 -20.54
N THR B 191 11.67 10.98 -20.41
CA THR B 191 11.74 11.97 -21.49
C THR B 191 12.89 12.94 -21.24
N VAL B 192 13.74 13.08 -22.27
CA VAL B 192 14.98 13.89 -22.20
C VAL B 192 15.09 14.81 -23.42
N PRO B 193 15.91 15.89 -23.34
CA PRO B 193 16.17 16.69 -24.53
C PRO B 193 16.87 15.87 -25.61
N SER B 194 16.40 15.99 -26.86
CA SER B 194 16.97 15.24 -27.99
C SER B 194 18.42 15.62 -28.31
N SER B 195 18.82 16.80 -27.86
CA SER B 195 20.20 17.28 -27.95
C SER B 195 21.16 16.52 -27.02
N SER B 196 20.62 16.03 -25.90
CA SER B 196 21.42 15.27 -24.91
C SER B 196 21.70 13.83 -25.33
N LEU B 197 21.02 13.35 -26.37
CA LEU B 197 21.24 12.00 -26.91
C LEU B 197 22.60 11.88 -27.59
N GLY B 198 23.26 10.74 -27.37
CA GLY B 198 24.57 10.47 -27.96
C GLY B 198 25.74 11.07 -27.19
N THR B 199 25.49 12.16 -26.48
CA THR B 199 26.51 12.86 -25.68
C THR B 199 26.40 12.54 -24.18
N GLN B 200 25.17 12.37 -23.68
CA GLN B 200 24.90 11.96 -22.31
C GLN B 200 24.48 10.50 -22.31
N THR B 201 25.04 9.71 -21.39
CA THR B 201 24.72 8.28 -21.30
C THR B 201 23.59 8.03 -20.30
N TYR B 202 22.59 7.28 -20.74
CA TYR B 202 21.44 6.91 -19.90
C TYR B 202 21.45 5.43 -19.58
N ILE B 203 21.53 5.13 -18.28
CA ILE B 203 21.56 3.75 -17.78
C ILE B 203 20.41 3.54 -16.79
N CYS B 204 19.59 2.52 -17.08
CA CYS B 204 18.57 2.07 -16.13
C CYS B 204 19.16 0.99 -15.22
N ASN B 205 18.87 1.10 -13.92
CA ASN B 205 19.39 0.18 -12.92
C ASN B 205 18.28 -0.70 -12.37
N VAL B 206 18.28 -1.96 -12.80
CA VAL B 206 17.22 -2.91 -12.49
C VAL B 206 17.71 -3.89 -11.42
N ASN B 207 16.89 -4.04 -10.37
CA ASN B 207 17.18 -4.96 -9.27
C ASN B 207 15.99 -5.87 -8.99
N HIS B 208 16.24 -7.17 -9.03
CA HIS B 208 15.26 -8.20 -8.68
C HIS B 208 15.89 -9.11 -7.63
N LYS B 209 15.67 -8.75 -6.36
CA LYS B 209 16.23 -9.47 -5.21
C LYS B 209 15.80 -10.95 -5.05
N PRO B 210 14.53 -11.32 -5.39
CA PRO B 210 14.16 -12.74 -5.35
C PRO B 210 15.04 -13.69 -6.19
N SER B 211 15.53 -13.23 -7.34
CA SER B 211 16.47 -14.01 -8.17
C SER B 211 17.93 -13.61 -7.97
N ASN B 212 18.14 -12.61 -7.12
CA ASN B 212 19.46 -12.00 -6.86
C ASN B 212 20.12 -11.47 -8.15
N THR B 213 19.30 -10.81 -8.98
CA THR B 213 19.72 -10.32 -10.30
C THR B 213 19.83 -8.79 -10.29
N LYS B 214 21.00 -8.30 -10.72
CA LYS B 214 21.24 -6.89 -10.96
C LYS B 214 21.70 -6.64 -12.39
N VAL B 215 21.01 -5.75 -13.09
CA VAL B 215 21.34 -5.39 -14.47
C VAL B 215 21.45 -3.86 -14.58
N ASP B 216 22.54 -3.41 -15.19
CA ASP B 216 22.71 -2.01 -15.58
C ASP B 216 22.74 -1.91 -17.09
N LYS B 217 21.78 -1.14 -17.64
CA LYS B 217 21.56 -1.09 -19.08
C LYS B 217 21.67 0.29 -19.71
N ARG B 218 22.72 0.44 -20.52
CA ARG B 218 22.93 1.64 -21.32
C ARG B 218 21.98 1.62 -22.52
N VAL B 219 21.14 2.64 -22.60
CA VAL B 219 20.17 2.79 -23.69
C VAL B 219 20.74 3.76 -24.72
N GLU B 220 21.28 3.18 -25.79
CA GLU B 220 21.89 3.95 -26.88
C GLU B 220 20.98 3.98 -28.12
N PRO B 221 20.77 5.17 -28.71
CA PRO B 221 20.16 5.21 -30.04
C PRO B 221 21.19 4.89 -31.12
N LYS B 222 20.76 4.23 -32.19
CA LYS B 222 21.61 4.02 -33.37
C LYS B 222 20.79 4.11 -34.66
N SER B 223 21.48 4.14 -35.80
CA SER B 223 20.86 4.33 -37.12
C SER B 223 20.46 3.03 -37.79
N GLU C 1 -16.52 -7.47 16.89
CA GLU C 1 -15.56 -7.02 15.85
C GLU C 1 -16.12 -5.81 15.08
N ILE C 2 -15.29 -4.78 14.96
CA ILE C 2 -15.69 -3.51 14.32
C ILE C 2 -15.41 -3.54 12.82
N VAL C 3 -16.39 -3.12 12.03
CA VAL C 3 -16.28 -3.03 10.57
C VAL C 3 -16.39 -1.56 10.14
N LEU C 4 -15.36 -1.10 9.43
CA LEU C 4 -15.28 0.28 8.94
C LEU C 4 -15.65 0.37 7.46
N THR C 5 -16.68 1.17 7.16
CA THR C 5 -17.14 1.43 5.80
C THR C 5 -16.79 2.85 5.38
N GLN C 6 -15.91 2.95 4.37
CA GLN C 6 -15.47 4.25 3.83
C GLN C 6 -16.27 4.64 2.59
N SER C 7 -16.58 5.94 2.50
CA SER C 7 -17.40 6.49 1.41
C SER C 7 -16.92 7.87 0.95
N PRO C 8 -16.84 8.12 -0.37
CA PRO C 8 -17.04 7.11 -1.44
C PRO C 8 -15.80 6.23 -1.62
N THR C 9 -15.80 5.32 -2.58
CA THR C 9 -14.60 4.52 -2.89
C THR C 9 -13.58 5.35 -3.67
N THR C 10 -14.08 6.18 -4.57
CA THR C 10 -13.29 7.16 -5.32
C THR C 10 -14.05 8.48 -5.45
N MET C 11 -13.30 9.58 -5.46
CA MET C 11 -13.84 10.88 -5.87
C MET C 11 -12.74 11.81 -6.40
N ALA C 12 -13.10 12.54 -7.46
CA ALA C 12 -12.17 13.47 -8.11
C ALA C 12 -12.64 14.90 -7.92
N ALA C 13 -11.74 15.74 -7.41
CA ALA C 13 -12.04 17.14 -7.09
C ALA C 13 -11.12 18.12 -7.78
N SER C 14 -11.66 19.27 -8.19
CA SER C 14 -10.92 20.36 -8.80
C SER C 14 -10.00 21.05 -7.78
N PRO C 15 -8.89 21.70 -8.24
CA PRO C 15 -8.02 22.43 -7.31
C PRO C 15 -8.76 23.56 -6.60
N GLY C 16 -8.85 23.45 -5.28
CA GLY C 16 -9.56 24.43 -4.44
C GLY C 16 -10.83 23.91 -3.80
N GLU C 17 -11.41 22.86 -4.39
CA GLU C 17 -12.67 22.26 -3.92
C GLU C 17 -12.57 21.66 -2.52
N LYS C 18 -13.68 21.73 -1.78
CA LYS C 18 -13.77 21.14 -0.44
C LYS C 18 -14.19 19.67 -0.51
N VAL C 19 -13.55 18.86 0.33
CA VAL C 19 -13.68 17.41 0.29
C VAL C 19 -14.03 16.87 1.68
N THR C 20 -14.98 15.92 1.74
CA THR C 20 -15.28 15.15 2.95
C THR C 20 -15.26 13.65 2.64
N LEU C 21 -14.42 12.93 3.38
CA LEU C 21 -14.32 11.48 3.29
C LEU C 21 -14.91 10.86 4.55
N ASN C 22 -15.87 9.95 4.38
CA ASN C 22 -16.58 9.35 5.50
C ASN C 22 -16.06 7.98 5.92
N CYS C 23 -16.13 7.72 7.23
CA CYS C 23 -15.77 6.44 7.82
C CYS C 23 -16.86 6.03 8.82
N LEU C 24 -17.71 5.10 8.38
CA LEU C 24 -18.83 4.59 9.20
C LEU C 24 -18.43 3.30 9.91
N ALA C 25 -18.73 3.22 11.20
CA ALA C 25 -18.42 2.04 12.00
C ALA C 25 -19.68 1.25 12.35
N SER C 26 -19.54 -0.08 12.38
CA SER C 26 -20.63 -1.01 12.69
C SER C 26 -21.16 -0.88 14.12
N SER C 27 -20.27 -0.48 15.04
CA SER C 27 -20.63 -0.16 16.42
C SER C 27 -20.05 1.21 16.79
N SER C 28 -20.37 1.69 17.99
CA SER C 28 -19.84 2.95 18.50
C SER C 28 -18.38 2.79 18.93
N VAL C 29 -17.52 3.68 18.43
CA VAL C 29 -16.09 3.71 18.78
C VAL C 29 -15.68 5.07 19.38
N SER C 30 -14.62 5.06 20.20
CA SER C 30 -14.17 6.25 20.93
C SER C 30 -13.59 7.35 20.03
N TYR C 31 -12.52 7.01 19.29
CA TYR C 31 -11.89 7.96 18.37
C TYR C 31 -11.39 7.30 17.07
N MET C 32 -11.09 8.12 16.05
CA MET C 32 -10.71 7.62 14.72
C MET C 32 -9.35 8.11 14.22
N THR C 33 -8.55 7.18 13.69
CA THR C 33 -7.22 7.46 13.16
C THR C 33 -7.22 7.36 11.64
N TRP C 34 -6.52 8.29 10.98
CA TRP C 34 -6.48 8.38 9.51
C TRP C 34 -5.07 8.33 8.94
N TYR C 35 -4.93 7.68 7.79
CA TYR C 35 -3.64 7.52 7.10
C TYR C 35 -3.71 7.90 5.63
N GLN C 36 -2.66 8.57 5.16
CA GLN C 36 -2.49 8.88 3.75
C GLN C 36 -1.47 7.94 3.14
N GLN C 37 -1.82 7.33 2.01
CA GLN C 37 -0.89 6.46 1.28
C GLN C 37 -0.79 6.82 -0.20
N LYS C 38 0.41 7.26 -0.59
CA LYS C 38 0.75 7.51 -1.98
C LYS C 38 1.34 6.26 -2.62
N SER C 39 1.32 6.22 -3.95
CA SER C 39 1.73 5.05 -4.75
C SER C 39 3.21 4.71 -4.56
N GLY C 40 3.47 3.43 -4.30
CA GLY C 40 4.83 2.93 -4.02
C GLY C 40 5.44 3.48 -2.74
N ALA C 41 4.57 4.02 -1.87
CA ALA C 41 4.99 4.61 -0.60
C ALA C 41 4.18 4.01 0.55
N SER C 42 4.77 4.07 1.74
CA SER C 42 4.14 3.54 2.95
C SER C 42 3.05 4.49 3.46
N PRO C 43 2.03 3.96 4.18
CA PRO C 43 1.05 4.82 4.84
C PRO C 43 1.67 5.70 5.90
N LYS C 44 1.40 7.00 5.81
CA LYS C 44 1.84 7.98 6.80
C LYS C 44 0.69 8.34 7.71
N LEU C 45 0.99 8.56 8.99
CA LEU C 45 0.00 9.04 9.95
C LEU C 45 -0.47 10.43 9.53
N TRP C 46 -1.79 10.58 9.43
CA TRP C 46 -2.37 11.83 8.98
C TRP C 46 -3.15 12.54 10.09
N ILE C 47 -4.15 11.87 10.63
CA ILE C 47 -4.91 12.38 11.78
C ILE C 47 -4.96 11.31 12.87
N TYR C 48 -4.48 11.66 14.05
CA TYR C 48 -4.62 10.83 15.24
C TYR C 48 -5.70 11.40 16.18
N GLY C 49 -6.05 10.63 17.21
CA GLY C 49 -7.16 10.98 18.08
C GLY C 49 -8.44 10.92 17.28
N THR C 50 -8.98 12.10 16.99
CA THR C 50 -10.12 12.24 16.05
C THR C 50 -9.89 13.46 15.15
N SER C 51 -9.29 14.50 15.73
CA SER C 51 -9.14 15.80 15.06
C SER C 51 -7.71 16.37 15.11
N ASN C 52 -6.75 15.54 15.51
CA ASN C 52 -5.35 15.98 15.66
C ASN C 52 -4.46 15.66 14.47
N LEU C 53 -3.92 16.70 13.85
CA LEU C 53 -3.01 16.55 12.72
C LEU C 53 -1.63 16.10 13.16
N ALA C 54 -1.03 15.20 12.38
CA ALA C 54 0.36 14.82 12.56
C ALA C 54 1.28 15.95 12.11
N SER C 55 2.54 15.91 12.53
CA SER C 55 3.53 16.92 12.13
C SER C 55 3.89 16.78 10.66
N GLY C 56 3.83 17.90 9.94
CA GLY C 56 4.05 17.92 8.49
C GLY C 56 2.75 17.95 7.69
N VAL C 57 1.64 17.62 8.35
CA VAL C 57 0.30 17.61 7.75
C VAL C 57 -0.25 19.04 7.72
N PRO C 58 -0.64 19.53 6.52
CA PRO C 58 -1.20 20.88 6.37
C PRO C 58 -2.48 21.12 7.18
N ASN C 59 -2.63 22.35 7.67
CA ASN C 59 -3.84 22.82 8.38
C ASN C 59 -5.11 22.77 7.54
N ARG C 60 -4.90 22.66 6.23
CA ARG C 60 -5.91 22.37 5.21
C ARG C 60 -6.74 21.11 5.53
N PHE C 61 -6.12 20.17 6.25
CA PHE C 61 -6.75 18.94 6.68
C PHE C 61 -7.45 19.07 8.03
N SER C 62 -8.52 18.28 8.19
CA SER C 62 -9.42 18.36 9.34
C SER C 62 -10.02 17.00 9.64
N GLY C 63 -10.25 16.74 10.93
CA GLY C 63 -10.93 15.53 11.39
C GLY C 63 -12.08 15.87 12.31
N SER C 64 -13.13 15.05 12.28
CA SER C 64 -14.31 15.20 13.15
C SER C 64 -15.13 13.91 13.22
N GLY C 65 -15.99 13.83 14.21
CA GLY C 65 -16.81 12.66 14.33
C GLY C 65 -17.11 12.18 15.72
N SER C 66 -18.00 11.21 15.82
CA SER C 66 -18.39 10.69 17.12
C SER C 66 -19.19 9.42 16.97
N GLY C 67 -19.09 8.53 17.96
CA GLY C 67 -19.84 7.30 17.90
C GLY C 67 -19.43 6.42 16.75
N THR C 68 -20.28 6.35 15.73
CA THR C 68 -19.97 5.52 14.57
C THR C 68 -19.53 6.35 13.37
N SER C 69 -20.08 7.56 13.23
CA SER C 69 -19.76 8.37 12.09
C SER C 69 -18.56 9.25 12.24
N TYR C 70 -17.61 9.12 11.36
CA TYR C 70 -16.37 9.90 11.38
C TYR C 70 -15.99 10.39 9.99
N SER C 71 -15.34 11.54 9.92
CA SER C 71 -14.99 12.16 8.64
C SER C 71 -13.65 12.88 8.63
N LEU C 72 -12.93 12.74 7.52
CA LEU C 72 -11.75 13.55 7.20
C LEU C 72 -12.17 14.61 6.19
N ALA C 73 -11.63 15.82 6.35
CA ALA C 73 -11.99 16.95 5.50
C ALA C 73 -10.78 17.73 4.96
N ILE C 74 -10.93 18.24 3.74
CA ILE C 74 -9.95 19.16 3.13
C ILE C 74 -10.64 20.47 2.77
N SER C 75 -10.08 21.58 3.24
CA SER C 75 -10.62 22.92 3.00
C SER C 75 -10.33 23.44 1.58
N SER C 76 -9.28 22.90 0.95
CA SER C 76 -8.87 23.27 -0.41
C SER C 76 -8.08 22.12 -1.04
N MET C 77 -8.68 21.47 -2.03
CA MET C 77 -8.04 20.33 -2.73
C MET C 77 -6.80 20.78 -3.51
N GLU C 78 -5.69 20.09 -3.28
CA GLU C 78 -4.43 20.36 -3.99
C GLU C 78 -3.91 19.10 -4.69
N ALA C 79 -2.86 19.27 -5.51
CA ALA C 79 -2.24 18.17 -6.25
C ALA C 79 -1.49 17.18 -5.37
N GLU C 80 -0.87 17.69 -4.30
CA GLU C 80 -0.15 16.86 -3.32
C GLU C 80 -1.07 16.03 -2.41
N ASP C 81 -2.37 16.35 -2.46
CA ASP C 81 -3.39 15.62 -1.70
C ASP C 81 -3.84 14.31 -2.38
N VAL C 82 -3.34 14.08 -3.59
CA VAL C 82 -3.66 12.87 -4.37
C VAL C 82 -3.04 11.64 -3.72
N ALA C 83 -3.91 10.78 -3.19
CA ALA C 83 -3.54 9.55 -2.50
C ALA C 83 -4.78 8.72 -2.16
N THR C 84 -4.57 7.58 -1.50
CA THR C 84 -5.66 6.82 -0.90
C THR C 84 -5.64 7.07 0.61
N TYR C 85 -6.83 7.34 1.16
CA TYR C 85 -6.98 7.66 2.58
C TYR C 85 -7.70 6.54 3.32
N TYR C 86 -7.02 5.98 4.33
CA TYR C 86 -7.54 4.89 5.14
C TYR C 86 -7.86 5.35 6.56
N CYS C 87 -9.03 4.94 7.06
CA CYS C 87 -9.35 5.12 8.48
C CYS C 87 -9.08 3.82 9.25
N LEU C 88 -8.56 3.97 10.46
CA LEU C 88 -8.19 2.83 11.31
C LEU C 88 -8.88 2.88 12.68
N HIS C 89 -9.43 1.74 13.08
CA HIS C 89 -10.01 1.57 14.41
C HIS C 89 -8.97 1.02 15.40
N LEU C 90 -8.86 1.68 16.56
CA LEU C 90 -7.84 1.38 17.56
C LEU C 90 -8.35 1.26 18.99
N THR C 91 -9.61 1.65 19.20
CA THR C 91 -10.14 1.91 20.53
C THR C 91 -10.92 0.73 21.14
N SER C 92 -10.39 -0.48 20.99
CA SER C 92 -10.97 -1.69 21.58
C SER C 92 -9.94 -2.81 21.70
N TYR C 93 -10.40 -3.95 22.24
CA TYR C 93 -9.71 -5.22 22.14
C TYR C 93 -9.63 -5.61 20.66
N PRO C 94 -8.48 -6.17 20.21
CA PRO C 94 -8.26 -6.66 18.83
C PRO C 94 -9.42 -7.46 18.22
N PRO C 95 -9.62 -7.38 16.89
CA PRO C 95 -8.66 -6.80 15.94
C PRO C 95 -8.77 -5.30 15.70
N TYR C 96 -7.66 -4.70 15.26
CA TYR C 96 -7.60 -3.32 14.81
C TYR C 96 -7.86 -3.30 13.31
N THR C 97 -8.99 -2.71 12.93
CA THR C 97 -9.50 -2.82 11.58
C THR C 97 -9.36 -1.54 10.78
N PHE C 98 -8.95 -1.70 9.52
CA PHE C 98 -8.91 -0.61 8.55
C PHE C 98 -10.18 -0.60 7.73
N GLY C 99 -10.51 0.56 7.16
CA GLY C 99 -11.55 0.66 6.14
C GLY C 99 -10.96 0.30 4.79
N ALA C 100 -11.83 0.16 3.78
CA ALA C 100 -11.43 -0.19 2.41
C ALA C 100 -10.53 0.87 1.74
N GLY C 101 -10.71 2.12 2.15
CA GLY C 101 -9.93 3.23 1.62
C GLY C 101 -10.70 4.03 0.59
N THR C 102 -10.45 5.33 0.56
CA THR C 102 -10.97 6.21 -0.47
C THR C 102 -9.82 6.76 -1.28
N LYS C 103 -9.81 6.42 -2.57
CA LYS C 103 -8.83 6.95 -3.52
C LYS C 103 -9.28 8.35 -3.93
N LEU C 104 -8.40 9.32 -3.69
CA LEU C 104 -8.69 10.72 -3.99
C LEU C 104 -7.88 11.17 -5.20
N GLU C 105 -8.61 11.67 -6.20
CA GLU C 105 -8.02 12.11 -7.47
C GLU C 105 -8.24 13.61 -7.66
N LEU C 106 -7.41 14.22 -8.51
CA LEU C 106 -7.46 15.66 -8.78
C LEU C 106 -7.98 15.92 -10.18
N LYS C 107 -9.11 16.63 -10.28
CA LYS C 107 -9.67 17.05 -11.57
C LYS C 107 -8.78 18.12 -12.20
N ARG C 108 -8.42 17.89 -13.46
CA ARG C 108 -7.41 18.68 -14.15
C ARG C 108 -7.93 19.12 -15.50
N ALA C 109 -7.22 20.08 -16.13
CA ALA C 109 -7.45 20.46 -17.52
C ALA C 109 -7.13 19.27 -18.44
N VAL C 110 -7.87 19.18 -19.54
CA VAL C 110 -7.66 18.12 -20.55
C VAL C 110 -6.29 18.28 -21.19
N ALA C 111 -5.47 17.24 -21.06
CA ALA C 111 -4.12 17.19 -21.64
C ALA C 111 -4.01 16.04 -22.63
N ALA C 112 -3.57 16.36 -23.84
CA ALA C 112 -3.36 15.37 -24.89
C ALA C 112 -2.08 14.56 -24.62
N PRO C 113 -2.12 13.23 -24.88
CA PRO C 113 -0.89 12.43 -24.73
C PRO C 113 0.13 12.72 -25.82
N SER C 114 1.40 12.79 -25.44
CA SER C 114 2.50 12.77 -26.39
C SER C 114 2.87 11.30 -26.60
N VAL C 115 2.74 10.84 -27.85
CA VAL C 115 2.81 9.42 -28.19
C VAL C 115 4.17 9.04 -28.78
N PHE C 116 4.73 7.95 -28.25
CA PHE C 116 6.01 7.40 -28.73
C PHE C 116 5.88 5.92 -29.02
N ILE C 117 6.56 5.47 -30.07
CA ILE C 117 6.62 4.04 -30.42
C ILE C 117 8.07 3.51 -30.32
N PHE C 118 8.21 2.29 -29.78
CA PHE C 118 9.50 1.65 -29.66
C PHE C 118 9.49 0.29 -30.35
N PRO C 119 10.40 0.09 -31.33
CA PRO C 119 10.60 -1.24 -31.90
C PRO C 119 11.29 -2.17 -30.89
N PRO C 120 11.14 -3.50 -31.05
CA PRO C 120 11.93 -4.40 -30.20
C PRO C 120 13.43 -4.22 -30.43
N SER C 121 14.17 -4.13 -29.33
CA SER C 121 15.62 -3.99 -29.36
C SER C 121 16.26 -5.18 -30.05
N ASP C 122 17.46 -4.97 -30.58
CA ASP C 122 18.19 -6.02 -31.27
C ASP C 122 18.53 -7.16 -30.36
N GLU C 123 18.87 -6.86 -29.11
CA GLU C 123 19.18 -7.85 -28.10
C GLU C 123 18.00 -8.82 -27.91
N GLN C 124 16.83 -8.19 -27.80
CA GLN C 124 15.57 -8.94 -27.60
C GLN C 124 15.34 -9.88 -28.78
N LEU C 125 15.55 -9.34 -29.96
CA LEU C 125 15.38 -10.09 -31.22
C LEU C 125 16.28 -11.32 -31.21
N LYS C 126 17.53 -11.09 -30.83
CA LYS C 126 18.56 -12.13 -30.75
C LYS C 126 18.12 -13.24 -29.82
N SER C 127 17.60 -12.82 -28.66
CA SER C 127 17.03 -13.80 -27.70
C SER C 127 15.83 -14.65 -28.21
N GLY C 128 15.12 -14.18 -29.25
CA GLY C 128 14.06 -14.97 -29.91
C GLY C 128 12.61 -14.55 -29.71
N THR C 129 12.41 -13.38 -29.10
CA THR C 129 11.08 -12.80 -28.87
C THR C 129 11.05 -11.32 -29.26
N ALA C 130 9.85 -10.80 -29.52
CA ALA C 130 9.68 -9.40 -29.95
C ALA C 130 8.55 -8.68 -29.22
N SER C 131 8.91 -7.58 -28.54
CA SER C 131 7.94 -6.73 -27.86
C SER C 131 7.97 -5.32 -28.46
N VAL C 132 6.81 -4.83 -28.86
CA VAL C 132 6.65 -3.49 -29.42
C VAL C 132 5.91 -2.64 -28.38
N VAL C 133 6.57 -1.58 -27.92
CA VAL C 133 6.03 -0.73 -26.85
C VAL C 133 5.52 0.60 -27.41
N CYS C 134 4.32 0.99 -26.98
CA CYS C 134 3.76 2.31 -27.28
C CYS C 134 3.57 3.11 -26.00
N LEU C 135 4.17 4.29 -25.97
CA LEU C 135 4.10 5.18 -24.81
C LEU C 135 3.13 6.33 -25.03
N LEU C 136 2.25 6.54 -24.04
CA LEU C 136 1.33 7.67 -24.00
C LEU C 136 1.72 8.49 -22.78
N ASN C 137 2.37 9.62 -23.03
CA ASN C 137 3.01 10.39 -21.97
C ASN C 137 2.26 11.67 -21.58
N ASN C 138 2.09 11.86 -20.28
CA ASN C 138 1.54 13.06 -19.65
C ASN C 138 0.16 13.52 -20.19
N PHE C 139 -0.85 12.70 -19.93
CA PHE C 139 -2.23 12.98 -20.38
C PHE C 139 -3.26 13.04 -19.25
N TYR C 140 -4.38 13.70 -19.54
CA TYR C 140 -5.56 13.73 -18.66
C TYR C 140 -6.83 13.93 -19.49
N PRO C 141 -7.91 13.16 -19.23
CA PRO C 141 -8.01 12.16 -18.15
C PRO C 141 -7.50 10.78 -18.52
N ARG C 142 -7.62 9.82 -17.60
CA ARG C 142 -7.07 8.45 -17.75
C ARG C 142 -7.59 7.69 -18.99
N GLU C 143 -8.88 7.86 -19.29
CA GLU C 143 -9.56 7.14 -20.38
C GLU C 143 -8.87 7.37 -21.74
N ALA C 144 -8.20 6.32 -22.21
CA ALA C 144 -7.46 6.34 -23.47
C ALA C 144 -7.66 5.03 -24.23
N LYS C 145 -7.64 5.12 -25.56
CA LYS C 145 -7.78 3.96 -26.42
C LYS C 145 -6.52 3.78 -27.27
N VAL C 146 -5.87 2.63 -27.11
CA VAL C 146 -4.70 2.25 -27.89
C VAL C 146 -5.08 1.04 -28.74
N GLN C 147 -4.85 1.16 -30.04
CA GLN C 147 -5.08 0.06 -30.97
C GLN C 147 -3.83 -0.23 -31.79
N TRP C 148 -3.39 -1.48 -31.74
CA TRP C 148 -2.24 -1.95 -32.51
C TRP C 148 -2.66 -2.42 -33.90
N LYS C 149 -1.84 -2.05 -34.89
CA LYS C 149 -2.02 -2.49 -36.27
C LYS C 149 -0.70 -2.99 -36.83
N VAL C 150 -0.74 -4.17 -37.44
CA VAL C 150 0.43 -4.78 -38.08
C VAL C 150 0.10 -5.02 -39.55
N ASP C 151 0.79 -4.29 -40.44
CA ASP C 151 0.52 -4.24 -41.88
C ASP C 151 -0.95 -3.93 -42.19
N ASN C 152 -1.52 -2.98 -41.43
CA ASN C 152 -2.93 -2.55 -41.51
C ASN C 152 -3.96 -3.54 -40.93
N ALA C 153 -3.50 -4.70 -40.46
CA ALA C 153 -4.37 -5.68 -39.80
C ALA C 153 -4.50 -5.35 -38.31
N LEU C 154 -5.74 -5.16 -37.86
CA LEU C 154 -6.04 -4.79 -36.48
C LEU C 154 -5.70 -5.93 -35.53
N GLN C 155 -4.89 -5.61 -34.52
CA GLN C 155 -4.41 -6.60 -33.56
C GLN C 155 -5.36 -6.75 -32.38
N SER C 156 -5.44 -7.99 -31.88
CA SER C 156 -6.35 -8.36 -30.80
C SER C 156 -5.73 -9.47 -29.95
N GLY C 157 -5.89 -9.34 -28.62
CA GLY C 157 -5.52 -10.38 -27.66
C GLY C 157 -4.04 -10.62 -27.40
N ASN C 158 -3.18 -9.80 -28.00
CA ASN C 158 -1.72 -9.95 -27.87
C ASN C 158 -1.00 -8.71 -27.34
N SER C 159 -1.77 -7.82 -26.69
CA SER C 159 -1.23 -6.61 -26.07
C SER C 159 -1.64 -6.48 -24.59
N GLN C 160 -0.76 -5.85 -23.81
CA GLN C 160 -1.02 -5.59 -22.39
C GLN C 160 -0.77 -4.14 -22.01
N GLU C 161 -1.68 -3.59 -21.21
CA GLU C 161 -1.65 -2.18 -20.80
C GLU C 161 -1.38 -1.99 -19.31
N SER C 162 -0.62 -0.95 -18.99
CA SER C 162 -0.42 -0.50 -17.61
C SER C 162 -0.40 1.02 -17.54
N VAL C 163 -1.10 1.55 -16.54
CA VAL C 163 -1.22 2.99 -16.32
C VAL C 163 -0.57 3.35 -14.99
N THR C 164 0.23 4.41 -15.01
CA THR C 164 0.81 5.00 -13.79
C THR C 164 -0.28 5.72 -12.99
N GLU C 165 -0.02 5.94 -11.71
CA GLU C 165 -0.91 6.75 -10.89
C GLU C 165 -0.71 8.23 -11.17
N GLN C 166 -1.73 9.03 -10.85
CA GLN C 166 -1.74 10.46 -11.10
C GLN C 166 -0.50 11.14 -10.51
N ASP C 167 0.25 11.82 -11.37
CA ASP C 167 1.49 12.50 -10.99
C ASP C 167 1.21 13.57 -9.93
N SER C 168 2.02 13.57 -8.87
CA SER C 168 1.84 14.50 -7.75
C SER C 168 2.15 15.96 -8.09
N LYS C 169 2.94 16.17 -9.15
CA LYS C 169 3.34 17.50 -9.59
C LYS C 169 2.35 18.11 -10.58
N ASP C 170 2.24 17.50 -11.77
CA ASP C 170 1.43 18.03 -12.88
C ASP C 170 0.03 17.39 -13.04
N SER C 171 -0.27 16.41 -12.19
CA SER C 171 -1.57 15.71 -12.13
C SER C 171 -1.98 14.94 -13.40
N THR C 172 -0.99 14.51 -14.18
CA THR C 172 -1.23 13.77 -15.43
C THR C 172 -1.01 12.26 -15.24
N TYR C 173 -1.46 11.49 -16.23
CA TYR C 173 -1.23 10.05 -16.30
C TYR C 173 -0.26 9.71 -17.42
N SER C 174 0.35 8.53 -17.33
CA SER C 174 1.09 7.94 -18.43
C SER C 174 0.63 6.49 -18.65
N LEU C 175 0.66 6.06 -19.91
CA LEU C 175 0.26 4.70 -20.28
C LEU C 175 1.33 4.00 -21.12
N SER C 176 1.50 2.71 -20.86
CA SER C 176 2.37 1.85 -21.65
C SER C 176 1.58 0.64 -22.17
N SER C 177 1.59 0.48 -23.49
CA SER C 177 0.99 -0.68 -24.14
C SER C 177 2.09 -1.49 -24.84
N THR C 178 2.10 -2.80 -24.56
CA THR C 178 3.11 -3.69 -25.14
C THR C 178 2.47 -4.77 -26.00
N LEU C 179 2.78 -4.75 -27.29
CA LEU C 179 2.39 -5.80 -28.23
C LEU C 179 3.49 -6.85 -28.27
N THR C 180 3.14 -8.07 -27.86
CA THR C 180 4.08 -9.19 -27.86
C THR C 180 3.84 -10.08 -29.07
N LEU C 181 4.93 -10.40 -29.76
CA LEU C 181 4.92 -11.33 -30.88
C LEU C 181 6.11 -12.27 -30.77
N SER C 182 5.97 -13.45 -31.37
CA SER C 182 7.12 -14.32 -31.62
C SER C 182 8.01 -13.64 -32.66
N LYS C 183 9.31 -13.90 -32.58
CA LYS C 183 10.30 -13.26 -33.45
C LYS C 183 9.95 -13.50 -34.90
N ALA C 184 9.58 -14.74 -35.21
CA ALA C 184 9.25 -15.16 -36.57
C ALA C 184 8.10 -14.31 -37.11
N ASP C 185 7.08 -14.15 -36.28
CA ASP C 185 5.89 -13.38 -36.64
C ASP C 185 6.28 -11.94 -36.97
N TYR C 186 7.12 -11.38 -36.12
CA TYR C 186 7.62 -10.02 -36.27
C TYR C 186 8.33 -9.86 -37.61
N GLU C 187 9.19 -10.83 -37.89
CA GLU C 187 9.97 -10.87 -39.13
C GLU C 187 9.04 -10.86 -40.34
N LYS C 188 8.01 -11.71 -40.25
CA LYS C 188 7.00 -11.82 -41.30
C LYS C 188 6.38 -10.46 -41.65
N HIS C 189 6.30 -9.47 -40.75
CA HIS C 189 5.63 -8.18 -41.12
C HIS C 189 6.50 -6.89 -41.19
N LYS C 190 5.92 -5.83 -41.79
CA LYS C 190 6.65 -4.57 -42.07
C LYS C 190 6.22 -3.35 -41.22
N VAL C 191 4.97 -2.92 -41.35
CA VAL C 191 4.46 -1.70 -40.69
C VAL C 191 3.87 -2.04 -39.32
N TYR C 192 4.40 -1.40 -38.28
CA TYR C 192 3.93 -1.57 -36.91
C TYR C 192 3.37 -0.27 -36.38
N ALA C 193 2.05 -0.21 -36.29
CA ALA C 193 1.33 1.03 -35.99
C ALA C 193 0.65 1.01 -34.63
N CYS C 194 0.75 2.14 -33.93
CA CYS C 194 0.08 2.37 -32.67
C CYS C 194 -0.90 3.54 -32.84
N GLU C 195 -2.19 3.25 -32.75
CA GLU C 195 -3.24 4.25 -32.94
C GLU C 195 -3.87 4.67 -31.60
N VAL C 196 -3.77 5.97 -31.30
CA VAL C 196 -4.15 6.52 -30.00
C VAL C 196 -5.36 7.46 -30.08
N THR C 197 -6.41 7.12 -29.33
CA THR C 197 -7.62 7.94 -29.21
C THR C 197 -7.74 8.49 -27.78
N HIS C 198 -7.91 9.82 -27.69
CA HIS C 198 -8.03 10.55 -26.43
C HIS C 198 -8.72 11.90 -26.63
N GLN C 199 -9.43 12.36 -25.60
CA GLN C 199 -10.16 13.65 -25.58
C GLN C 199 -9.35 14.87 -26.02
N GLY C 200 -8.07 14.91 -25.63
CA GLY C 200 -7.16 16.00 -25.98
C GLY C 200 -6.76 16.08 -27.44
N LEU C 201 -7.12 15.05 -28.20
CA LEU C 201 -6.83 14.99 -29.63
C LEU C 201 -8.13 15.16 -30.43
N SER C 202 -8.11 16.09 -31.39
CA SER C 202 -9.26 16.34 -32.27
C SER C 202 -9.55 15.15 -33.20
N SER C 203 -8.51 14.41 -33.54
CA SER C 203 -8.60 13.13 -34.25
C SER C 203 -7.47 12.19 -33.78
N PRO C 204 -7.68 10.84 -33.83
CA PRO C 204 -6.66 9.87 -33.39
C PRO C 204 -5.26 10.04 -33.99
N VAL C 205 -4.24 9.80 -33.17
CA VAL C 205 -2.83 9.94 -33.57
C VAL C 205 -2.19 8.56 -33.75
N THR C 206 -1.52 8.38 -34.88
CA THR C 206 -0.79 7.15 -35.19
C THR C 206 0.73 7.37 -35.20
N LYS C 207 1.42 6.59 -34.38
CA LYS C 207 2.88 6.48 -34.45
C LYS C 207 3.24 5.10 -34.96
N SER C 208 4.13 5.05 -35.95
CA SER C 208 4.51 3.81 -36.62
C SER C 208 5.96 3.81 -37.07
N PHE C 209 6.48 2.61 -37.35
CA PHE C 209 7.79 2.42 -37.93
C PHE C 209 7.75 1.26 -38.92
N ASN C 210 8.69 1.25 -39.85
CA ASN C 210 8.95 0.09 -40.69
C ASN C 210 10.09 -0.73 -40.09
N ARG C 211 9.88 -2.03 -39.98
CA ARG C 211 10.90 -2.95 -39.46
C ARG C 211 12.13 -2.91 -40.37
N GLY C 212 13.30 -2.73 -39.74
CA GLY C 212 14.58 -2.65 -40.45
C GLY C 212 14.90 -1.29 -41.03
N GLU C 213 14.25 -0.25 -40.52
CA GLU C 213 14.43 1.13 -40.97
C GLU C 213 14.66 2.04 -39.77
#